data_8QKX
#
_entry.id   8QKX
#
loop_
_entity.id
_entity.type
_entity.pdbx_description
1 polymer "DNA (5'-D(*CP*TP*CP*CP*AP*GP*CP*TP*GP*GP*GP*TP*GP*AP*GP*GP*GP*GP*CP*TP*GP*GP*GP*T)-3')"
2 polymer "DNA (5'-D(*TP*TP*GP*GP*AP*GP*CP*TP*GP*GP*AP*GP*TP*T)-3')"
#
loop_
_entity_poly.entity_id
_entity_poly.type
_entity_poly.pdbx_seq_one_letter_code
_entity_poly.pdbx_strand_id
1 'polydeoxyribonucleotide'
;(DC)(DT)(DC)(DC)(DA)(DG)(DC)(DT)(DG)(DG)(DG)(DT)(DG)(DA)(DG)(DG)(DG)(DG)(DC)(DT)
(DG)(DG)(DG)(DT)
;
A
2 'polydeoxyribonucleotide' (DT)(DT)(DG)(DG)(DA)(DG)(DC)(DT)(DG)(DG)(DA)(DG)(DT)(DT) B
#
loop_
_chem_comp.id
_chem_comp.type
_chem_comp.name
_chem_comp.formula
DA DNA linking 2'-DEOXYADENOSINE-5'-MONOPHOSPHATE 'C10 H14 N5 O6 P'
DC DNA linking 2'-DEOXYCYTIDINE-5'-MONOPHOSPHATE 'C9 H14 N3 O7 P'
DG DNA linking 2'-DEOXYGUANOSINE-5'-MONOPHOSPHATE 'C10 H14 N5 O7 P'
DT DNA linking THYMIDINE-5'-MONOPHOSPHATE 'C10 H15 N2 O8 P'
#